data_8D08
#
_entry.id   8D08
#
_cell.length_a   35.867
_cell.length_b   35.867
_cell.length_c   437.996
_cell.angle_alpha   90.000
_cell.angle_beta   90.000
_cell.angle_gamma   90.000
#
_symmetry.space_group_name_H-M   'P 41 21 2'
#
_entity_poly.entity_id   1
_entity_poly.type   'polypeptide(L)'
_entity_poly.pdbx_seq_one_letter_code
;MSGMEKFKEQLLEEVKKIVLETMTKVMEHLEKWFVTLAEIIITKSEEKLEELKETMEKSIEELRKEAEGS
;
_entity_poly.pdbx_strand_id   A,B,C,D
#
# COMPACT_ATOMS: atom_id res chain seq x y z
N MET A 4 -14.66 28.87 10.50
CA MET A 4 -14.78 28.10 9.26
C MET A 4 -14.73 26.60 9.50
N GLU A 5 -15.51 26.12 10.48
CA GLU A 5 -15.56 24.70 10.76
C GLU A 5 -16.30 23.93 9.66
N LYS A 6 -17.37 24.50 9.12
CA LYS A 6 -18.00 23.86 7.95
C LYS A 6 -16.94 23.53 6.92
N PHE A 7 -15.99 24.44 6.72
CA PHE A 7 -14.86 24.18 5.84
C PHE A 7 -14.06 23.00 6.37
N LYS A 8 -13.62 23.08 7.62
CA LYS A 8 -12.88 21.99 8.24
C LYS A 8 -13.62 20.67 8.09
N GLU A 9 -14.86 20.60 8.57
CA GLU A 9 -15.62 19.34 8.56
C GLU A 9 -15.81 18.80 7.15
N GLN A 10 -16.49 19.57 6.29
CA GLN A 10 -16.71 19.06 4.94
C GLN A 10 -15.41 18.58 4.33
N LEU A 11 -14.42 19.45 4.28
CA LEU A 11 -13.21 19.13 3.57
C LEU A 11 -12.56 17.87 4.14
N LEU A 12 -12.41 17.79 5.46
CA LEU A 12 -11.63 16.70 6.04
C LEU A 12 -12.37 15.36 6.03
N GLU A 13 -13.69 15.36 6.25
CA GLU A 13 -14.46 14.12 6.13
C GLU A 13 -14.44 13.59 4.69
N GLU A 14 -14.72 14.47 3.72
CA GLU A 14 -14.59 14.11 2.31
C GLU A 14 -13.21 13.54 1.97
N VAL A 15 -12.15 14.12 2.53
CA VAL A 15 -10.79 13.65 2.23
C VAL A 15 -10.57 12.24 2.77
N LYS A 16 -10.97 12.00 4.02
CA LYS A 16 -10.83 10.65 4.54
C LYS A 16 -11.55 9.69 3.62
N LYS A 17 -12.72 10.12 3.11
CA LYS A 17 -13.47 9.33 2.14
C LYS A 17 -12.64 8.97 0.90
N ILE A 18 -11.94 9.95 0.33
CA ILE A 18 -11.25 9.69 -0.95
C ILE A 18 -9.98 8.86 -0.76
N VAL A 19 -9.13 9.22 0.20
CA VAL A 19 -8.05 8.32 0.59
C VAL A 19 -8.57 6.90 0.67
N LEU A 20 -9.68 6.73 1.40
CA LEU A 20 -10.29 5.42 1.63
C LEU A 20 -10.63 4.72 0.30
N GLU A 21 -11.40 5.39 -0.57
CA GLU A 21 -11.83 4.75 -1.82
C GLU A 21 -10.64 4.34 -2.67
N THR A 22 -9.75 5.28 -2.92
CA THR A 22 -8.54 4.95 -3.66
C THR A 22 -7.85 3.74 -3.07
N MET A 23 -7.77 3.66 -1.74
CA MET A 23 -7.22 2.46 -1.12
C MET A 23 -8.01 1.23 -1.53
N THR A 24 -9.34 1.30 -1.46
CA THR A 24 -10.17 0.13 -1.78
C THR A 24 -9.78 -0.42 -3.14
N LYS A 25 -9.48 0.49 -4.06
CA LYS A 25 -9.09 0.07 -5.39
C LYS A 25 -7.69 -0.55 -5.40
N VAL A 26 -6.71 0.12 -4.79
CA VAL A 26 -5.36 -0.44 -4.80
C VAL A 26 -5.36 -1.77 -4.09
N MET A 27 -6.39 -2.01 -3.29
CA MET A 27 -6.50 -3.26 -2.57
C MET A 27 -7.04 -4.39 -3.42
N GLU A 28 -8.12 -4.14 -4.16
CA GLU A 28 -8.54 -5.10 -5.19
C GLU A 28 -7.36 -5.51 -6.06
N HIS A 29 -6.63 -4.55 -6.58
CA HIS A 29 -5.55 -4.92 -7.46
C HIS A 29 -4.64 -5.82 -6.70
N LEU A 30 -4.12 -5.34 -5.59
CA LEU A 30 -3.17 -6.12 -4.83
C LEU A 30 -3.71 -7.51 -4.66
N GLU A 31 -5.00 -7.62 -4.43
CA GLU A 31 -5.60 -8.91 -4.22
C GLU A 31 -5.23 -9.78 -5.38
N LYS A 32 -5.57 -9.33 -6.57
CA LYS A 32 -5.27 -10.15 -7.75
C LYS A 32 -3.80 -10.52 -7.78
N TRP A 33 -2.94 -9.57 -7.43
CA TRP A 33 -1.53 -9.87 -7.39
C TRP A 33 -1.25 -11.01 -6.44
N PHE A 34 -1.94 -11.00 -5.32
CA PHE A 34 -1.73 -12.02 -4.30
C PHE A 34 -2.24 -13.37 -4.77
N VAL A 35 -3.42 -13.42 -5.36
CA VAL A 35 -3.93 -14.73 -5.80
C VAL A 35 -3.04 -15.32 -6.89
N THR A 36 -2.71 -14.53 -7.93
CA THR A 36 -1.83 -15.06 -8.98
C THR A 36 -0.48 -15.42 -8.37
N LEU A 37 -0.03 -14.67 -7.37
CA LEU A 37 1.21 -15.01 -6.68
C LEU A 37 1.09 -16.34 -5.97
N ALA A 38 -0.06 -16.61 -5.36
CA ALA A 38 -0.27 -17.89 -4.71
C ALA A 38 -0.24 -19.01 -5.73
N GLU A 39 -0.79 -18.75 -6.92
CA GLU A 39 -0.71 -19.75 -7.98
C GLU A 39 0.75 -20.08 -8.31
N ILE A 40 1.58 -19.05 -8.47
CA ILE A 40 3.02 -19.29 -8.67
C ILE A 40 3.59 -20.12 -7.53
N ILE A 41 3.18 -19.85 -6.29
CA ILE A 41 3.67 -20.61 -5.15
C ILE A 41 3.34 -22.09 -5.31
N ILE A 42 2.10 -22.37 -5.71
CA ILE A 42 1.66 -23.77 -5.74
C ILE A 42 2.30 -24.50 -6.92
N THR A 43 2.48 -23.82 -8.06
CA THR A 43 2.99 -24.46 -9.28
C THR A 43 4.44 -24.11 -9.60
N LYS A 44 4.89 -22.87 -9.38
CA LYS A 44 6.26 -22.45 -9.69
C LYS A 44 6.50 -22.47 -11.21
N SER A 45 5.70 -21.70 -11.95
CA SER A 45 5.68 -21.77 -13.41
C SER A 45 6.03 -20.42 -14.01
N GLU A 46 7.17 -20.37 -14.75
CA GLU A 46 7.53 -19.17 -15.52
C GLU A 46 6.35 -18.68 -16.33
N GLU A 47 5.51 -19.61 -16.76
CA GLU A 47 4.23 -19.28 -17.39
C GLU A 47 3.35 -18.44 -16.46
N LYS A 48 2.98 -18.99 -15.30
CA LYS A 48 2.19 -18.24 -14.35
C LYS A 48 2.84 -16.91 -13.99
N LEU A 49 4.17 -16.82 -14.12
CA LEU A 49 4.84 -15.58 -13.79
C LEU A 49 4.65 -14.55 -14.90
N GLU A 50 4.73 -14.98 -16.15
CA GLU A 50 4.35 -14.10 -17.24
C GLU A 50 2.90 -13.66 -17.11
N GLU A 51 2.05 -14.58 -16.65
CA GLU A 51 0.68 -14.22 -16.32
C GLU A 51 0.65 -13.07 -15.32
N LEU A 52 1.25 -13.28 -14.16
CA LEU A 52 1.34 -12.26 -13.12
C LEU A 52 1.85 -10.95 -13.68
N LYS A 53 2.86 -11.03 -14.54
CA LYS A 53 3.35 -9.81 -15.15
C LYS A 53 2.21 -9.11 -15.87
N GLU A 54 1.65 -9.77 -16.89
CA GLU A 54 0.58 -9.16 -17.66
C GLU A 54 -0.50 -8.57 -16.77
N THR A 55 -0.80 -9.25 -15.67
CA THR A 55 -1.82 -8.74 -14.75
C THR A 55 -1.36 -7.42 -14.22
N MET A 56 -0.39 -7.46 -13.31
CA MET A 56 0.17 -6.21 -12.80
C MET A 56 0.26 -5.12 -13.84
N GLU A 57 0.53 -5.49 -15.09
CA GLU A 57 0.63 -4.46 -16.10
C GLU A 57 -0.71 -3.83 -16.38
N LYS A 58 -1.74 -4.67 -16.57
CA LYS A 58 -3.09 -4.10 -16.74
C LYS A 58 -3.55 -3.37 -15.49
N SER A 59 -3.07 -3.78 -14.31
CA SER A 59 -3.48 -3.12 -13.07
C SER A 59 -2.91 -1.71 -12.99
N ILE A 60 -1.63 -1.56 -13.30
CA ILE A 60 -1.09 -0.20 -13.29
C ILE A 60 -1.60 0.58 -14.51
N GLU A 61 -1.89 -0.10 -15.65
CA GLU A 61 -2.60 0.61 -16.73
C GLU A 61 -3.87 1.24 -16.19
N GLU A 62 -4.71 0.44 -15.51
CA GLU A 62 -5.90 0.92 -14.81
C GLU A 62 -5.60 2.12 -13.91
N LEU A 63 -4.65 1.96 -12.99
CA LEU A 63 -4.35 3.03 -12.05
C LEU A 63 -3.95 4.29 -12.79
N ARG A 64 -2.97 4.19 -13.66
CA ARG A 64 -2.52 5.31 -14.46
C ARG A 64 -3.74 6.00 -14.97
N LYS A 65 -4.53 5.27 -15.76
CA LYS A 65 -5.79 5.85 -16.18
C LYS A 65 -6.42 6.69 -15.09
N GLU A 66 -6.78 6.02 -13.98
CA GLU A 66 -7.61 6.69 -12.99
C GLU A 66 -6.93 7.94 -12.43
N ALA A 67 -5.63 7.85 -12.14
CA ALA A 67 -4.88 8.91 -11.46
C ALA A 67 -4.90 10.21 -12.22
N GLU A 68 -5.10 10.16 -13.53
CA GLU A 68 -5.15 11.36 -14.34
C GLU A 68 -6.53 11.99 -14.19
N GLY A 69 -7.54 11.45 -14.87
CA GLY A 69 -8.88 12.01 -14.82
C GLY A 69 -8.96 13.47 -15.25
N MET B 4 -6.30 34.97 -3.44
CA MET B 4 -5.47 34.46 -2.35
C MET B 4 -5.22 32.98 -2.59
N GLU B 5 -5.03 32.63 -3.87
CA GLU B 5 -4.81 31.24 -4.25
C GLU B 5 -3.52 30.70 -3.67
N LYS B 6 -2.59 31.57 -3.30
CA LYS B 6 -1.32 31.14 -2.72
C LYS B 6 -1.56 30.30 -1.47
N PHE B 7 -2.68 30.52 -0.78
CA PHE B 7 -3.09 29.62 0.30
C PHE B 7 -3.18 28.20 -0.21
N LYS B 8 -3.94 28.01 -1.30
CA LYS B 8 -4.02 26.71 -1.98
C LYS B 8 -2.65 26.21 -2.38
N GLU B 9 -1.80 27.10 -2.89
CA GLU B 9 -0.48 26.69 -3.36
C GLU B 9 0.29 25.99 -2.24
N GLN B 10 0.48 26.70 -1.10
CA GLN B 10 1.13 26.08 0.06
C GLN B 10 0.43 24.77 0.44
N LEU B 11 -0.90 24.81 0.50
CA LEU B 11 -1.62 23.65 1.01
C LEU B 11 -1.32 22.43 0.15
N LEU B 12 -1.27 22.62 -1.17
CA LEU B 12 -1.03 21.52 -2.10
C LEU B 12 0.37 20.96 -1.97
N GLU B 13 1.37 21.84 -1.93
CA GLU B 13 2.73 21.35 -1.72
C GLU B 13 2.80 20.51 -0.46
N GLU B 14 2.20 21.02 0.62
CA GLU B 14 2.23 20.34 1.92
C GLU B 14 1.63 18.95 1.84
N VAL B 15 0.46 18.84 1.22
CA VAL B 15 -0.20 17.54 1.18
C VAL B 15 0.55 16.57 0.29
N LYS B 16 0.97 17.03 -0.90
CA LYS B 16 1.89 16.26 -1.73
C LYS B 16 2.96 15.61 -0.89
N LYS B 17 3.67 16.46 -0.15
CA LYS B 17 4.65 16.01 0.83
C LYS B 17 4.10 14.93 1.76
N ILE B 18 3.01 15.28 2.45
CA ILE B 18 2.49 14.43 3.53
C ILE B 18 2.24 13.03 3.02
N VAL B 19 1.71 12.94 1.80
CA VAL B 19 1.34 11.64 1.28
C VAL B 19 2.57 10.86 0.80
N LEU B 20 3.48 11.54 0.08
CA LEU B 20 4.74 10.91 -0.31
C LEU B 20 5.37 10.24 0.89
N GLU B 21 5.29 10.93 2.02
CA GLU B 21 5.95 10.50 3.24
C GLU B 21 5.25 9.31 3.87
N THR B 22 3.95 9.43 4.09
CA THR B 22 3.24 8.31 4.71
C THR B 22 3.46 7.03 3.90
N MET B 23 3.54 7.15 2.57
CA MET B 23 3.76 5.97 1.74
C MET B 23 5.17 5.41 1.91
N THR B 24 6.16 6.28 2.06
CA THR B 24 7.51 5.78 2.31
C THR B 24 7.63 5.09 3.70
N LYS B 25 6.87 5.55 4.70
CA LYS B 25 6.93 4.89 6.00
C LYS B 25 6.31 3.50 5.91
N VAL B 26 5.18 3.37 5.22
CA VAL B 26 4.62 2.03 5.10
C VAL B 26 5.55 1.13 4.29
N MET B 27 6.11 1.66 3.19
CA MET B 27 7.02 0.89 2.36
C MET B 27 8.18 0.30 3.15
N GLU B 28 8.72 1.02 4.15
CA GLU B 28 9.78 0.43 4.97
C GLU B 28 9.35 -0.91 5.56
N HIS B 29 8.18 -0.94 6.19
CA HIS B 29 7.78 -2.17 6.85
C HIS B 29 7.44 -3.25 5.86
N LEU B 30 6.98 -2.87 4.69
CA LEU B 30 6.74 -3.88 3.70
C LEU B 30 8.09 -4.51 3.35
N GLU B 31 9.08 -3.68 3.11
CA GLU B 31 10.38 -4.24 2.80
C GLU B 31 10.84 -5.20 3.89
N LYS B 32 10.67 -4.82 5.14
CA LYS B 32 11.01 -5.76 6.20
C LYS B 32 10.26 -7.08 5.97
N TRP B 33 8.97 -7.00 5.67
CA TRP B 33 8.14 -8.20 5.54
C TRP B 33 8.54 -9.01 4.32
N PHE B 34 9.11 -8.36 3.31
CA PHE B 34 9.58 -9.08 2.13
C PHE B 34 10.90 -9.79 2.37
N VAL B 35 11.86 -9.14 3.05
CA VAL B 35 13.06 -9.83 3.53
C VAL B 35 12.65 -11.12 4.24
N THR B 36 11.72 -10.99 5.18
CA THR B 36 11.30 -12.15 5.97
C THR B 36 10.61 -13.20 5.10
N LEU B 37 9.73 -12.79 4.18
CA LEU B 37 9.03 -13.78 3.37
C LEU B 37 9.98 -14.54 2.45
N ALA B 38 10.91 -13.83 1.82
CA ALA B 38 11.89 -14.53 1.00
C ALA B 38 12.67 -15.55 1.81
N GLU B 39 13.06 -15.18 3.04
CA GLU B 39 13.79 -16.17 3.82
C GLU B 39 12.91 -17.35 4.24
N ILE B 40 11.59 -17.16 4.42
CA ILE B 40 10.76 -18.34 4.71
C ILE B 40 10.48 -19.16 3.46
N ILE B 41 10.60 -18.54 2.27
CA ILE B 41 10.56 -19.29 1.03
C ILE B 41 11.74 -20.25 0.96
N ILE B 42 12.95 -19.72 1.11
CA ILE B 42 14.12 -20.60 1.11
C ILE B 42 13.97 -21.68 2.18
N THR B 43 13.71 -21.28 3.41
CA THR B 43 13.74 -22.19 4.55
C THR B 43 12.36 -22.18 5.18
N LYS B 44 11.60 -23.26 5.01
CA LYS B 44 10.19 -23.23 5.40
C LYS B 44 10.01 -23.61 6.88
N SER B 45 10.47 -22.72 7.76
CA SER B 45 10.48 -22.97 9.20
C SER B 45 9.41 -22.14 9.91
N GLU B 46 8.59 -22.82 10.73
CA GLU B 46 7.65 -22.09 11.58
C GLU B 46 8.33 -20.98 12.35
N GLU B 47 9.62 -21.15 12.67
CA GLU B 47 10.38 -20.10 13.31
C GLU B 47 10.21 -18.78 12.58
N LYS B 48 10.58 -18.79 11.29
CA LYS B 48 10.37 -17.62 10.45
C LYS B 48 8.93 -17.18 10.44
N LEU B 49 8.01 -18.13 10.50
CA LEU B 49 6.59 -17.80 10.49
C LEU B 49 6.23 -16.92 11.68
N GLU B 50 6.38 -17.45 12.89
CA GLU B 50 6.08 -16.70 14.09
C GLU B 50 6.86 -15.39 14.09
N GLU B 51 8.06 -15.41 13.53
CA GLU B 51 8.85 -14.21 13.61
C GLU B 51 8.36 -13.15 12.64
N LEU B 52 7.83 -13.56 11.49
CA LEU B 52 7.16 -12.59 10.61
C LEU B 52 5.97 -11.98 11.32
N LYS B 53 5.22 -12.79 12.07
CA LYS B 53 4.12 -12.22 12.84
C LYS B 53 4.63 -11.09 13.73
N GLU B 54 5.65 -11.38 14.54
CA GLU B 54 6.23 -10.37 15.42
C GLU B 54 6.61 -9.07 14.68
N THR B 55 7.26 -9.19 13.53
CA THR B 55 7.69 -7.97 12.82
C THR B 55 6.51 -7.17 12.29
N MET B 56 5.56 -7.86 11.65
CA MET B 56 4.37 -7.17 11.16
C MET B 56 3.73 -6.41 12.29
N GLU B 57 3.76 -7.02 13.48
CA GLU B 57 3.21 -6.46 14.71
C GLU B 57 3.88 -5.14 15.08
N LYS B 58 5.21 -5.17 15.27
CA LYS B 58 6.02 -3.97 15.52
C LYS B 58 5.63 -2.84 14.56
N SER B 59 5.49 -3.22 13.29
CA SER B 59 5.20 -2.22 12.26
C SER B 59 3.82 -1.59 12.47
N ILE B 60 2.78 -2.41 12.64
CA ILE B 60 1.45 -1.81 12.69
C ILE B 60 1.31 -0.93 13.92
N GLU B 61 1.92 -1.34 15.05
CA GLU B 61 1.78 -0.53 16.27
C GLU B 61 2.59 0.75 16.17
N GLU B 62 3.82 0.66 15.67
CA GLU B 62 4.59 1.85 15.34
C GLU B 62 3.73 2.84 14.57
N LEU B 63 3.00 2.36 13.57
CA LEU B 63 2.13 3.23 12.78
C LEU B 63 0.88 3.64 13.55
N ARG B 64 0.44 2.82 14.51
CA ARG B 64 -0.74 3.11 15.29
C ARG B 64 -0.51 4.32 16.18
N LYS B 65 0.46 4.21 17.11
CA LYS B 65 0.86 5.36 17.93
C LYS B 65 1.14 6.58 17.08
N GLU B 66 1.62 6.35 15.84
CA GLU B 66 2.02 7.44 14.97
C GLU B 66 0.83 8.34 14.63
N ALA B 67 -0.34 7.74 14.38
CA ALA B 67 -1.52 8.55 14.09
C ALA B 67 -1.84 9.52 15.22
N GLU B 68 -1.16 9.40 16.37
CA GLU B 68 -1.39 10.16 17.60
C GLU B 68 -0.27 11.15 17.88
N MET C 4 -16.64 31.19 -2.39
CA MET C 4 -17.42 30.24 -1.60
C MET C 4 -16.91 28.81 -1.82
N GLU C 5 -17.72 27.99 -2.51
CA GLU C 5 -17.53 26.54 -2.52
C GLU C 5 -16.61 26.12 -3.66
N LYS C 6 -16.59 26.88 -4.76
CA LYS C 6 -15.75 26.60 -5.92
C LYS C 6 -14.28 26.36 -5.57
N PHE C 7 -13.81 27.06 -4.54
CA PHE C 7 -12.44 26.87 -4.07
C PHE C 7 -12.29 25.50 -3.42
N LYS C 8 -13.25 25.15 -2.54
CA LYS C 8 -13.31 23.82 -1.93
C LYS C 8 -13.21 22.74 -3.01
N GLU C 9 -14.02 22.89 -4.06
CA GLU C 9 -13.97 22.02 -5.23
C GLU C 9 -12.54 21.84 -5.71
N GLN C 10 -11.92 22.93 -6.16
CA GLN C 10 -10.60 22.86 -6.77
C GLN C 10 -9.60 22.15 -5.86
N LEU C 11 -9.58 22.53 -4.57
CA LEU C 11 -8.61 21.96 -3.65
C LEU C 11 -8.82 20.45 -3.51
N LEU C 12 -10.06 20.04 -3.30
CA LEU C 12 -10.35 18.62 -3.11
C LEU C 12 -9.89 17.79 -4.31
N GLU C 13 -10.19 18.26 -5.52
CA GLU C 13 -9.78 17.51 -6.71
C GLU C 13 -8.28 17.36 -6.79
N GLU C 14 -7.55 18.47 -6.68
CA GLU C 14 -6.10 18.34 -6.68
C GLU C 14 -5.65 17.31 -5.66
N VAL C 15 -6.34 17.25 -4.52
CA VAL C 15 -6.01 16.29 -3.47
C VAL C 15 -6.15 14.87 -3.97
N LYS C 16 -7.34 14.54 -4.49
CA LYS C 16 -7.60 13.18 -4.98
C LYS C 16 -6.55 12.77 -5.99
N LYS C 17 -6.22 13.70 -6.91
CA LYS C 17 -5.17 13.44 -7.88
C LYS C 17 -3.87 13.05 -7.19
N ILE C 18 -3.38 13.91 -6.29
CA ILE C 18 -2.11 13.67 -5.60
C ILE C 18 -2.07 12.27 -5.02
N VAL C 19 -3.11 11.91 -4.27
CA VAL C 19 -3.21 10.53 -3.77
C VAL C 19 -2.93 9.57 -4.92
N LEU C 20 -3.80 9.58 -5.94
CA LEU C 20 -3.68 8.65 -7.06
C LEU C 20 -2.25 8.58 -7.64
N GLU C 21 -1.60 9.73 -7.82
CA GLU C 21 -0.23 9.74 -8.30
C GLU C 21 0.69 8.95 -7.38
N THR C 22 0.67 9.30 -6.09
CA THR C 22 1.55 8.65 -5.13
C THR C 22 1.28 7.16 -5.05
N MET C 23 0.01 6.78 -5.01
CA MET C 23 -0.33 5.37 -4.98
C MET C 23 0.24 4.64 -6.19
N THR C 24 -0.01 5.13 -7.41
CA THR C 24 0.45 4.38 -8.59
C THR C 24 1.95 4.27 -8.59
N LYS C 25 2.65 5.30 -8.11
CA LYS C 25 4.10 5.19 -8.01
C LYS C 25 4.47 4.04 -7.09
N VAL C 26 3.77 3.93 -5.96
CA VAL C 26 3.92 2.77 -5.10
C VAL C 26 3.62 1.48 -5.85
N MET C 27 2.70 1.53 -6.80
CA MET C 27 2.32 0.29 -7.44
C MET C 27 3.37 -0.16 -8.44
N GLU C 28 3.95 0.79 -9.17
CA GLU C 28 5.15 0.50 -9.95
C GLU C 28 6.22 -0.15 -9.10
N HIS C 29 6.35 0.27 -7.84
CA HIS C 29 7.36 -0.36 -6.95
C HIS C 29 6.96 -1.77 -6.53
N LEU C 30 5.79 -1.89 -5.89
CA LEU C 30 5.22 -3.19 -5.58
C LEU C 30 5.40 -4.16 -6.73
N GLU C 31 5.36 -3.66 -7.97
CA GLU C 31 5.47 -4.53 -9.12
C GLU C 31 6.78 -5.29 -9.12
N LYS C 32 7.89 -4.57 -9.22
CA LYS C 32 9.19 -5.22 -9.18
C LYS C 32 9.24 -6.17 -7.99
N TRP C 33 8.72 -5.69 -6.84
CA TRP C 33 8.85 -6.46 -5.60
C TRP C 33 8.15 -7.82 -5.74
N PHE C 34 6.94 -7.81 -6.32
CA PHE C 34 6.20 -9.04 -6.61
C PHE C 34 6.93 -9.95 -7.58
N VAL C 35 7.51 -9.40 -8.63
CA VAL C 35 8.04 -10.32 -9.65
C VAL C 35 9.34 -10.95 -9.18
N THR C 36 10.27 -10.17 -8.59
CA THR C 36 11.48 -10.78 -8.05
C THR C 36 11.12 -11.73 -6.90
N LEU C 37 10.02 -11.45 -6.23
CA LEU C 37 9.48 -12.39 -5.28
C LEU C 37 9.06 -13.69 -5.94
N ALA C 38 8.39 -13.62 -7.08
CA ALA C 38 8.01 -14.83 -7.80
C ALA C 38 9.24 -15.59 -8.26
N GLU C 39 10.30 -14.87 -8.67
CA GLU C 39 11.56 -15.52 -9.03
C GLU C 39 12.12 -16.31 -7.86
N ILE C 40 12.31 -15.65 -6.72
CA ILE C 40 12.79 -16.38 -5.54
C ILE C 40 11.84 -17.51 -5.18
N ILE C 41 10.55 -17.40 -5.53
CA ILE C 41 9.64 -18.53 -5.38
C ILE C 41 10.14 -19.70 -6.22
N ILE C 42 10.40 -19.43 -7.49
CA ILE C 42 10.60 -20.50 -8.47
C ILE C 42 11.98 -21.13 -8.35
N THR C 43 13.02 -20.33 -8.14
CA THR C 43 14.39 -20.85 -8.16
C THR C 43 15.04 -21.00 -6.79
N LYS C 44 14.44 -20.47 -5.72
CA LYS C 44 14.98 -20.59 -4.36
C LYS C 44 16.33 -19.91 -4.24
N SER C 45 16.53 -18.84 -5.00
CA SER C 45 17.85 -18.25 -5.13
C SER C 45 18.20 -17.41 -3.90
N GLU C 46 19.31 -17.75 -3.24
CA GLU C 46 19.88 -16.83 -2.27
C GLU C 46 20.36 -15.56 -2.96
N GLU C 47 20.88 -15.70 -4.18
CA GLU C 47 21.25 -14.53 -4.97
C GLU C 47 20.05 -13.66 -5.30
N LYS C 48 18.92 -14.27 -5.68
CA LYS C 48 17.78 -13.40 -5.96
C LYS C 48 17.21 -12.82 -4.68
N LEU C 49 17.38 -13.49 -3.56
CA LEU C 49 17.05 -12.88 -2.29
C LEU C 49 17.84 -11.60 -2.13
N GLU C 50 19.14 -11.67 -2.34
CA GLU C 50 19.92 -10.45 -2.31
C GLU C 50 19.39 -9.43 -3.30
N GLU C 51 19.07 -9.88 -4.50
CA GLU C 51 18.61 -8.94 -5.52
C GLU C 51 17.38 -8.20 -5.02
N LEU C 52 16.50 -8.93 -4.36
CA LEU C 52 15.31 -8.37 -3.77
C LEU C 52 15.66 -7.32 -2.72
N LYS C 53 16.54 -7.69 -1.81
CA LYS C 53 16.91 -6.76 -0.75
C LYS C 53 17.50 -5.49 -1.34
N GLU C 54 18.46 -5.66 -2.25
CA GLU C 54 19.06 -4.50 -2.91
C GLU C 54 17.99 -3.63 -3.56
N THR C 55 17.05 -4.27 -4.28
CA THR C 55 16.16 -3.48 -5.10
C THR C 55 15.15 -2.75 -4.25
N MET C 56 14.71 -3.38 -3.17
CA MET C 56 13.79 -2.67 -2.27
C MET C 56 14.50 -1.51 -1.60
N GLU C 57 15.75 -1.72 -1.15
CA GLU C 57 16.53 -0.63 -0.61
C GLU C 57 16.51 0.57 -1.56
N LYS C 58 16.96 0.38 -2.79
CA LYS C 58 17.02 1.53 -3.71
C LYS C 58 15.65 2.07 -4.05
N SER C 59 14.65 1.19 -4.14
CA SER C 59 13.35 1.67 -4.51
C SER C 59 12.88 2.60 -3.43
N ILE C 60 13.13 2.22 -2.20
CA ILE C 60 12.66 3.01 -1.08
C ILE C 60 13.37 4.34 -1.05
N GLU C 61 14.70 4.34 -1.25
CA GLU C 61 15.43 5.60 -1.30
C GLU C 61 14.84 6.53 -2.36
N GLU C 62 14.55 5.99 -3.54
CA GLU C 62 13.89 6.75 -4.60
C GLU C 62 12.48 7.17 -4.19
N LEU C 63 11.84 6.44 -3.26
CA LEU C 63 10.60 6.93 -2.66
C LEU C 63 10.84 8.14 -1.77
N ARG C 64 11.89 8.09 -0.97
CA ARG C 64 12.19 9.16 -0.02
C ARG C 64 12.46 10.47 -0.74
N LYS C 65 13.25 10.41 -1.82
CA LYS C 65 13.68 11.61 -2.52
C LYS C 65 12.54 12.39 -3.17
N GLU C 66 11.31 11.87 -3.19
CA GLU C 66 10.20 12.68 -3.68
C GLU C 66 9.67 13.62 -2.61
N ALA C 67 9.70 13.19 -1.34
CA ALA C 67 9.04 13.95 -0.28
C ALA C 67 9.67 15.32 -0.11
N GLU C 68 10.99 15.42 -0.29
CA GLU C 68 11.64 16.72 -0.39
C GLU C 68 10.97 17.61 -1.44
N GLY C 69 10.48 18.77 -0.99
CA GLY C 69 9.72 19.69 -1.83
C GLY C 69 8.36 20.05 -1.25
N GLY D 3 -2.06 34.62 11.72
CA GLY D 3 -3.48 34.57 11.48
C GLY D 3 -3.92 33.36 10.69
N MET D 4 -3.79 33.43 9.35
CA MET D 4 -4.13 32.32 8.46
C MET D 4 -3.41 31.05 8.86
N GLU D 5 -2.17 31.20 9.31
CA GLU D 5 -1.26 30.07 9.42
C GLU D 5 -1.81 29.06 10.41
N LYS D 6 -2.48 29.54 11.47
CA LYS D 6 -3.13 28.69 12.45
C LYS D 6 -4.06 27.67 11.80
N PHE D 7 -5.07 28.16 11.09
CA PHE D 7 -6.03 27.29 10.43
C PHE D 7 -5.34 26.24 9.57
N LYS D 8 -4.60 26.70 8.56
CA LYS D 8 -3.78 25.90 7.67
C LYS D 8 -3.08 24.75 8.39
N GLU D 9 -2.41 25.09 9.49
CA GLU D 9 -1.69 24.09 10.27
C GLU D 9 -2.62 23.00 10.76
N GLN D 10 -3.64 23.40 11.55
CA GLN D 10 -4.60 22.42 12.06
C GLN D 10 -5.08 21.50 10.95
N LEU D 11 -5.34 22.09 9.79
CA LEU D 11 -6.03 21.38 8.74
C LEU D 11 -5.10 20.35 8.12
N LEU D 12 -3.89 20.75 7.76
CA LEU D 12 -2.89 19.78 7.32
C LEU D 12 -2.71 18.68 8.35
N GLU D 13 -2.67 19.07 9.62
CA GLU D 13 -2.52 18.08 10.67
C GLU D 13 -3.53 16.98 10.51
N GLU D 14 -4.82 17.33 10.46
CA GLU D 14 -5.82 16.27 10.36
C GLU D 14 -5.75 15.53 9.02
N VAL D 15 -5.22 16.17 7.97
CA VAL D 15 -4.96 15.44 6.72
C VAL D 15 -3.96 14.32 6.96
N LYS D 16 -2.84 14.65 7.57
CA LYS D 16 -1.87 13.62 7.88
C LYS D 16 -2.48 12.56 8.81
N LYS D 17 -3.36 13.00 9.73
CA LYS D 17 -3.99 12.08 10.67
C LYS D 17 -4.82 11.02 9.95
N ILE D 18 -5.72 11.48 9.10
CA ILE D 18 -6.62 10.58 8.39
C ILE D 18 -5.81 9.65 7.47
N VAL D 19 -4.74 10.18 6.87
CA VAL D 19 -3.87 9.34 6.06
C VAL D 19 -3.24 8.23 6.91
N LEU D 20 -2.65 8.60 8.05
CA LEU D 20 -2.05 7.59 8.95
C LEU D 20 -3.05 6.53 9.37
N GLU D 21 -4.24 6.96 9.79
CA GLU D 21 -5.21 5.99 10.27
C GLU D 21 -5.60 5.02 9.16
N THR D 22 -5.94 5.53 7.97
CA THR D 22 -6.39 4.62 6.94
C THR D 22 -5.27 3.69 6.48
N MET D 23 -4.04 4.18 6.42
CA MET D 23 -2.97 3.27 6.04
C MET D 23 -2.70 2.22 7.10
N THR D 24 -2.89 2.53 8.41
CA THR D 24 -2.73 1.46 9.40
C THR D 24 -3.79 0.39 9.20
N LYS D 25 -4.99 0.80 8.74
CA LYS D 25 -6.04 -0.19 8.47
C LYS D 25 -5.64 -1.11 7.31
N VAL D 26 -5.19 -0.50 6.20
CA VAL D 26 -4.72 -1.28 5.05
C VAL D 26 -3.59 -2.20 5.45
N MET D 27 -2.74 -1.76 6.39
CA MET D 27 -1.65 -2.60 6.84
C MET D 27 -2.14 -3.77 7.65
N GLU D 28 -3.20 -3.58 8.42
CA GLU D 28 -3.76 -4.73 9.11
C GLU D 28 -4.30 -5.75 8.10
N HIS D 29 -5.01 -5.29 7.08
CA HIS D 29 -5.47 -6.21 6.04
C HIS D 29 -4.30 -6.95 5.39
N LEU D 30 -3.32 -6.19 4.94
CA LEU D 30 -2.16 -6.79 4.33
C LEU D 30 -1.49 -7.78 5.26
N GLU D 31 -1.44 -7.51 6.58
CA GLU D 31 -0.68 -8.41 7.44
C GLU D 31 -1.38 -9.76 7.56
N LYS D 32 -2.72 -9.75 7.63
CA LYS D 32 -3.44 -11.01 7.52
C LYS D 32 -3.09 -11.72 6.21
N TRP D 33 -3.12 -10.96 5.11
CA TRP D 33 -2.79 -11.52 3.80
C TRP D 33 -1.45 -12.21 3.82
N PHE D 34 -0.50 -11.62 4.51
CA PHE D 34 0.83 -12.23 4.55
C PHE D 34 0.82 -13.51 5.36
N VAL D 35 0.01 -13.56 6.42
CA VAL D 35 -0.04 -14.77 7.23
C VAL D 35 -0.52 -15.97 6.42
N THR D 36 -1.67 -15.81 5.75
CA THR D 36 -2.18 -16.96 4.99
C THR D 36 -1.32 -17.26 3.76
N LEU D 37 -0.69 -16.24 3.19
CA LEU D 37 0.22 -16.44 2.06
C LEU D 37 1.44 -17.27 2.45
N ALA D 38 2.08 -16.93 3.57
CA ALA D 38 3.16 -17.76 4.08
C ALA D 38 2.68 -19.15 4.45
N GLU D 39 1.47 -19.25 4.99
CA GLU D 39 0.86 -20.56 5.16
C GLU D 39 0.96 -21.36 3.87
N ILE D 40 0.61 -20.76 2.75
CA ILE D 40 0.69 -21.48 1.48
C ILE D 40 2.13 -21.82 1.14
N ILE D 41 3.06 -20.90 1.43
CA ILE D 41 4.49 -21.14 1.16
C ILE D 41 4.95 -22.42 1.85
N ILE D 42 4.61 -22.57 3.12
CA ILE D 42 5.19 -23.66 3.88
C ILE D 42 4.43 -24.95 3.63
N THR D 43 3.13 -24.86 3.39
CA THR D 43 2.31 -26.05 3.28
C THR D 43 1.93 -26.37 1.84
N LYS D 44 1.51 -25.35 1.09
CA LYS D 44 1.07 -25.49 -0.28
C LYS D 44 -0.29 -26.19 -0.36
N SER D 45 -1.15 -26.02 0.64
CA SER D 45 -2.50 -26.57 0.53
C SER D 45 -3.38 -25.54 -0.14
N GLU D 46 -4.27 -26.03 -1.02
CA GLU D 46 -5.10 -25.16 -1.84
C GLU D 46 -6.31 -24.66 -1.08
N GLU D 47 -6.74 -25.44 -0.09
CA GLU D 47 -7.69 -24.95 0.90
C GLU D 47 -7.26 -23.55 1.30
N LYS D 48 -5.95 -23.37 1.49
CA LYS D 48 -5.44 -22.06 1.84
C LYS D 48 -5.66 -21.05 0.74
N LEU D 49 -5.69 -21.47 -0.52
CA LEU D 49 -6.00 -20.50 -1.54
C LEU D 49 -7.47 -20.09 -1.48
N GLU D 50 -8.34 -21.05 -1.16
CA GLU D 50 -9.74 -20.70 -0.91
C GLU D 50 -9.84 -19.69 0.22
N GLU D 51 -9.13 -19.94 1.32
CA GLU D 51 -9.08 -18.92 2.35
C GLU D 51 -8.69 -17.60 1.73
N LEU D 52 -7.47 -17.53 1.22
CA LEU D 52 -6.93 -16.25 0.79
C LEU D 52 -7.92 -15.52 -0.09
N LYS D 53 -8.60 -16.23 -0.99
CA LYS D 53 -9.63 -15.57 -1.78
C LYS D 53 -10.66 -14.94 -0.86
N GLU D 54 -11.21 -15.73 0.06
CA GLU D 54 -12.25 -15.24 0.97
C GLU D 54 -11.77 -14.03 1.78
N THR D 55 -10.49 -14.05 2.14
CA THR D 55 -9.94 -13.01 3.01
C THR D 55 -9.77 -11.69 2.26
N MET D 56 -9.13 -11.74 1.07
CA MET D 56 -9.05 -10.52 0.27
C MET D 56 -10.43 -9.96 0.05
N GLU D 57 -11.39 -10.85 -0.22
CA GLU D 57 -12.73 -10.38 -0.55
C GLU D 57 -13.32 -9.63 0.62
N LYS D 58 -13.22 -10.20 1.82
CA LYS D 58 -13.81 -9.50 2.95
C LYS D 58 -13.02 -8.26 3.33
N SER D 59 -11.72 -8.21 3.05
CA SER D 59 -10.98 -6.96 3.24
C SER D 59 -11.55 -5.86 2.33
N ILE D 60 -11.67 -6.13 1.04
CA ILE D 60 -12.17 -5.11 0.11
C ILE D 60 -13.65 -4.81 0.39
N GLU D 61 -14.40 -5.82 0.82
CA GLU D 61 -15.74 -5.66 1.38
C GLU D 61 -15.79 -4.57 2.44
N GLU D 62 -15.04 -4.77 3.53
CA GLU D 62 -15.06 -3.80 4.62
C GLU D 62 -14.57 -2.44 4.17
N LEU D 63 -13.64 -2.40 3.23
CA LEU D 63 -13.16 -1.09 2.76
C LEU D 63 -14.25 -0.34 2.04
N ARG D 64 -14.97 -1.00 1.13
CA ARG D 64 -16.15 -0.38 0.55
C ARG D 64 -17.08 0.09 1.67
N LYS D 65 -17.27 -0.75 2.69
CA LYS D 65 -18.18 -0.42 3.79
C LYS D 65 -17.73 0.84 4.56
N GLU D 66 -16.43 1.05 4.71
CA GLU D 66 -15.95 2.26 5.37
C GLU D 66 -16.09 3.48 4.49
N ALA D 67 -15.81 3.35 3.19
CA ALA D 67 -15.97 4.49 2.30
C ALA D 67 -17.41 4.98 2.30
N GLU D 68 -18.35 4.18 2.78
CA GLU D 68 -19.77 4.51 2.81
C GLU D 68 -20.19 5.00 4.20
N GLY D 69 -19.58 6.10 4.63
CA GLY D 69 -19.95 6.75 5.87
C GLY D 69 -21.36 7.33 5.94
#